data_2A22
#
_entry.id   2A22
#
_cell.length_a   78.841
_cell.length_b   78.841
_cell.length_c   151.371
_cell.angle_alpha   90.00
_cell.angle_beta   90.00
_cell.angle_gamma   90.00
#
_symmetry.space_group_name_H-M   'P 41 21 2'
#
loop_
_entity.id
_entity.type
_entity.pdbx_description
1 polymer 'vacuolar protein sorting 29'
2 water water
#
_entity_poly.entity_id   1
_entity_poly.type   'polypeptide(L)'
_entity_poly.pdbx_seq_one_letter_code
;MGSSHHHHHHSSGLVPRGSSSTDFGDLVLLIGDLKIPYGAKELPSNFRELLATDKINYVLCTGNVCSQEYVEMLKNITKN
VYIVSGDLDSAIFNPDPESNGVFPEYVVVQIGEFKIGLMHGNQVLPWDDPGSLEQWQRRLDCDILVTGHTHKLRVFEKNG
KLFLNPGTATGAFSALTPDAPPSFMLMALQGNKVVLYVYDLRDGKTNVAMSEFSK
;
_entity_poly.pdbx_strand_id   A,B
#
# COMPACT_ATOMS: atom_id res chain seq x y z
N ASP A 23 -3.73 14.02 11.66
CA ASP A 23 -3.23 12.67 12.05
C ASP A 23 -2.10 12.17 11.10
N PHE A 24 -1.67 10.92 11.27
CA PHE A 24 -0.36 10.51 10.73
C PHE A 24 -0.27 10.23 9.21
N GLY A 25 0.72 10.82 8.57
CA GLY A 25 0.97 10.52 7.17
C GLY A 25 0.20 11.39 6.21
N ASP A 26 0.70 11.45 4.98
CA ASP A 26 0.08 12.22 3.94
C ASP A 26 0.00 11.32 2.74
N LEU A 27 -1.08 11.48 1.96
CA LEU A 27 -1.19 10.75 0.70
C LEU A 27 -1.39 11.77 -0.41
N VAL A 28 -0.42 11.80 -1.32
CA VAL A 28 -0.35 12.85 -2.33
C VAL A 28 -0.63 12.30 -3.71
N LEU A 29 -1.66 12.85 -4.37
CA LEU A 29 -1.98 12.50 -5.73
C LEU A 29 -1.16 13.37 -6.70
N LEU A 30 -0.41 12.72 -7.58
CA LEU A 30 0.39 13.40 -8.62
C LEU A 30 -0.26 13.07 -9.96
N ILE A 31 -0.66 14.12 -10.69
CA ILE A 31 -1.55 13.94 -11.83
C ILE A 31 -1.40 15.15 -12.77
N GLY A 32 -1.57 14.94 -14.07
CA GLY A 32 -1.62 16.08 -14.98
C GLY A 32 -1.77 15.67 -16.45
N ASP A 33 -1.66 16.67 -17.34
CA ASP A 33 -1.66 16.44 -18.79
C ASP A 33 -2.90 15.66 -19.20
N LEU A 34 -4.03 16.10 -18.63
CA LEU A 34 -5.36 15.60 -18.96
C LEU A 34 -5.74 15.98 -20.37
N LYS A 35 -5.50 17.24 -20.72
CA LYS A 35 -5.78 17.73 -22.07
C LYS A 35 -7.24 17.48 -22.50
N ILE A 36 -8.14 17.65 -21.55
CA ILE A 36 -9.59 17.62 -21.78
C ILE A 36 -10.04 19.04 -22.07
N PRO A 37 -10.86 19.24 -23.12
CA PRO A 37 -11.48 18.26 -24.06
C PRO A 37 -10.67 17.98 -25.36
N TYR A 38 -9.57 18.68 -25.56
CA TYR A 38 -8.83 18.67 -26.84
C TYR A 38 -8.34 17.27 -27.23
N GLY A 39 -7.72 16.57 -26.29
CA GLY A 39 -7.11 15.27 -26.55
C GLY A 39 -7.80 14.08 -25.92
N ALA A 40 -8.79 14.36 -25.06
CA ALA A 40 -9.57 13.34 -24.35
C ALA A 40 -10.85 13.95 -23.76
N LYS A 41 -11.87 13.13 -23.49
CA LYS A 41 -13.11 13.67 -22.89
C LYS A 41 -13.26 13.48 -21.38
N GLU A 42 -12.48 12.57 -20.81
CA GLU A 42 -12.71 12.13 -19.45
C GLU A 42 -11.52 11.32 -18.96
N LEU A 43 -11.46 11.12 -17.65
CA LEU A 43 -10.53 10.19 -17.02
C LEU A 43 -11.06 8.77 -17.22
N PRO A 44 -10.16 7.78 -17.32
CA PRO A 44 -10.63 6.39 -17.41
C PRO A 44 -11.55 6.08 -16.24
N SER A 45 -12.64 5.35 -16.50
CA SER A 45 -13.55 5.01 -15.41
C SER A 45 -12.83 4.11 -14.41
N ASN A 46 -11.92 3.29 -14.91
CA ASN A 46 -11.09 2.38 -14.12
C ASN A 46 -10.30 3.04 -12.97
N PHE A 47 -10.12 4.37 -13.07
CA PHE A 47 -9.34 5.20 -12.15
C PHE A 47 -10.25 5.85 -11.14
N ARG A 48 -11.56 5.66 -11.34
CA ARG A 48 -12.58 6.46 -10.67
C ARG A 48 -12.51 6.36 -9.16
N GLU A 49 -12.56 5.14 -8.66
CA GLU A 49 -12.54 4.89 -7.24
C GLU A 49 -11.16 5.14 -6.64
N LEU A 50 -10.11 4.84 -7.42
CA LEU A 50 -8.76 5.15 -6.98
C LEU A 50 -8.61 6.64 -6.64
N LEU A 51 -9.08 7.51 -7.54
CA LEU A 51 -9.10 8.97 -7.31
C LEU A 51 -10.13 9.48 -6.29
N ALA A 52 -11.13 8.65 -5.95
CA ALA A 52 -12.14 9.02 -4.97
C ALA A 52 -11.73 8.69 -3.54
N THR A 53 -10.60 7.99 -3.35
CA THR A 53 -10.20 7.58 -2.01
C THR A 53 -10.08 8.72 -0.99
N ASP A 54 -10.69 8.53 0.17
CA ASP A 54 -10.76 9.50 1.26
C ASP A 54 -9.40 9.98 1.74
N LYS A 55 -8.43 9.10 1.63
CA LYS A 55 -7.13 9.28 2.25
C LYS A 55 -6.28 10.34 1.53
N ILE A 56 -6.60 10.68 0.29
CA ILE A 56 -5.81 11.69 -0.43
C ILE A 56 -6.02 13.03 0.27
N ASN A 57 -4.92 13.61 0.78
CA ASN A 57 -5.02 14.92 1.44
C ASN A 57 -4.17 16.00 0.75
N TYR A 58 -3.56 15.65 -0.39
CA TYR A 58 -2.84 16.59 -1.25
C TYR A 58 -2.94 16.16 -2.72
N VAL A 59 -3.09 17.14 -3.61
CA VAL A 59 -3.08 16.92 -5.03
C VAL A 59 -2.05 17.89 -5.56
N LEU A 60 -1.05 17.38 -6.29
CA LEU A 60 -0.10 18.21 -7.02
C LEU A 60 -0.26 17.97 -8.52
N CYS A 61 -0.82 18.95 -9.19
CA CYS A 61 -1.20 18.78 -10.58
C CYS A 61 -0.24 19.50 -11.49
N THR A 62 0.31 18.77 -12.46
CA THR A 62 1.39 19.29 -13.32
C THR A 62 0.92 20.23 -14.45
N GLY A 63 -0.39 20.46 -14.53
CA GLY A 63 -0.94 21.36 -15.52
C GLY A 63 -1.52 20.64 -16.73
N ASN A 64 -1.84 21.41 -17.76
CA ASN A 64 -2.63 20.90 -18.89
C ASN A 64 -3.88 20.12 -18.49
N VAL A 65 -4.56 20.62 -17.46
CA VAL A 65 -5.93 20.20 -17.12
C VAL A 65 -6.88 20.60 -18.27
N CYS A 66 -6.72 21.84 -18.74
CA CYS A 66 -7.39 22.40 -19.94
C CYS A 66 -8.90 22.63 -19.85
N SER A 67 -9.56 21.88 -18.97
CA SER A 67 -11.01 21.96 -18.79
C SER A 67 -11.36 22.49 -17.41
N GLN A 68 -12.14 23.58 -17.39
CA GLN A 68 -12.51 24.19 -16.12
C GLN A 68 -13.30 23.23 -15.25
N GLU A 69 -14.15 22.43 -15.89
CA GLU A 69 -14.87 21.36 -15.21
C GLU A 69 -13.89 20.42 -14.48
N TYR A 70 -12.74 20.12 -15.09
CA TYR A 70 -11.77 19.22 -14.46
C TYR A 70 -10.89 19.92 -13.38
N VAL A 71 -10.63 21.21 -13.57
CA VAL A 71 -10.12 22.05 -12.49
C VAL A 71 -11.03 21.92 -11.24
N GLU A 72 -12.33 22.05 -11.46
CA GLU A 72 -13.31 22.00 -10.36
C GLU A 72 -13.36 20.62 -9.72
N MET A 73 -13.22 19.58 -10.54
CA MET A 73 -13.21 18.20 -10.04
C MET A 73 -11.97 18.01 -9.13
N LEU A 74 -10.80 18.41 -9.63
CA LEU A 74 -9.54 18.29 -8.87
C LEU A 74 -9.55 19.12 -7.60
N LYS A 75 -10.10 20.34 -7.66
CA LYS A 75 -10.24 21.15 -6.46
C LYS A 75 -11.15 20.51 -5.41
N ASN A 76 -12.14 19.75 -5.86
CA ASN A 76 -13.06 19.08 -4.94
C ASN A 76 -12.54 17.79 -4.30
N ILE A 77 -11.39 17.30 -4.75
CA ILE A 77 -10.85 16.08 -4.16
C ILE A 77 -10.58 16.33 -2.67
N THR A 78 -9.96 17.46 -2.34
CA THR A 78 -9.54 17.72 -0.96
C THR A 78 -9.22 19.22 -0.88
N LYS A 79 -9.04 19.73 0.34
CA LYS A 79 -8.62 21.12 0.55
C LYS A 79 -7.31 21.50 -0.17
N ASN A 80 -6.23 20.73 0.04
CA ASN A 80 -4.90 21.09 -0.51
C ASN A 80 -4.63 20.65 -1.96
N VAL A 81 -5.02 21.49 -2.90
CA VAL A 81 -4.93 21.18 -4.32
C VAL A 81 -4.12 22.27 -5.05
N TYR A 82 -2.95 21.88 -5.55
CA TYR A 82 -2.06 22.78 -6.27
C TYR A 82 -2.05 22.43 -7.74
N ILE A 83 -2.31 23.43 -8.58
CA ILE A 83 -2.33 23.27 -10.02
C ILE A 83 -1.44 24.32 -10.62
N VAL A 84 -0.52 23.88 -11.47
CA VAL A 84 0.32 24.82 -12.18
C VAL A 84 -0.14 24.95 -13.64
N SER A 85 0.20 26.07 -14.25
CA SER A 85 -0.11 26.33 -15.65
C SER A 85 0.73 25.49 -16.63
N GLY A 86 0.06 24.82 -17.57
CA GLY A 86 0.75 24.15 -18.67
C GLY A 86 0.66 24.93 -19.97
N ASP A 87 1.25 24.41 -21.04
CA ASP A 87 1.32 25.10 -22.33
C ASP A 87 -0.01 25.12 -23.11
N LEU A 88 -0.97 24.27 -22.74
CA LEU A 88 -2.24 24.19 -23.45
C LEU A 88 -3.40 24.73 -22.61
N ASP A 89 -3.07 25.33 -21.47
CA ASP A 89 -4.09 25.82 -20.56
C ASP A 89 -4.49 27.20 -21.06
N SER A 90 -5.64 27.27 -21.72
CA SER A 90 -6.05 28.54 -22.33
C SER A 90 -7.45 28.95 -21.87
N ALA A 91 -8.17 28.03 -21.23
CA ALA A 91 -9.57 28.24 -20.89
C ALA A 91 -9.91 27.84 -19.44
N ILE A 92 -8.96 28.06 -18.54
CA ILE A 92 -9.16 27.68 -17.16
C ILE A 92 -8.87 28.86 -16.29
N PHE A 93 -9.43 28.81 -15.08
CA PHE A 93 -9.50 29.92 -14.17
C PHE A 93 -9.15 29.38 -12.78
N ASN A 94 -8.17 30.00 -12.12
CA ASN A 94 -7.78 29.60 -10.78
C ASN A 94 -8.81 30.17 -9.80
N PRO A 95 -9.58 29.29 -9.14
CA PRO A 95 -10.55 29.87 -8.22
C PRO A 95 -9.97 30.26 -6.85
N ASP A 96 -8.65 30.22 -6.66
CA ASP A 96 -8.09 30.69 -5.38
C ASP A 96 -8.13 32.24 -5.33
N PRO A 97 -8.67 32.81 -4.23
CA PRO A 97 -9.13 34.21 -4.23
C PRO A 97 -8.01 35.21 -4.44
N GLU A 98 -6.83 34.87 -3.92
CA GLU A 98 -5.65 35.71 -4.06
C GLU A 98 -5.11 35.79 -5.50
N SER A 99 -5.51 34.85 -6.35
CA SER A 99 -4.83 34.58 -7.63
C SER A 99 -5.24 35.43 -8.83
N ASN A 100 -6.40 36.07 -8.75
CA ASN A 100 -7.07 36.70 -9.91
C ASN A 100 -7.32 35.75 -11.10
N GLY A 101 -7.47 34.46 -10.80
CA GLY A 101 -7.70 33.45 -11.83
C GLY A 101 -6.43 32.89 -12.45
N VAL A 102 -5.27 33.37 -12.00
CA VAL A 102 -3.96 32.98 -12.56
C VAL A 102 -3.40 31.76 -11.84
N PHE A 103 -3.06 30.71 -12.59
CA PHE A 103 -2.37 29.54 -12.02
C PHE A 103 -0.86 29.78 -12.00
N PRO A 104 -0.18 29.41 -10.92
CA PRO A 104 1.23 29.73 -10.89
C PRO A 104 1.99 28.85 -11.83
N GLU A 105 3.13 29.35 -12.27
CA GLU A 105 4.04 28.61 -13.10
C GLU A 105 4.77 27.51 -12.30
N TYR A 106 5.01 27.75 -11.03
CA TYR A 106 5.58 26.73 -10.21
C TYR A 106 5.16 26.92 -8.79
N VAL A 107 5.30 25.86 -8.00
CA VAL A 107 4.83 25.77 -6.61
C VAL A 107 5.90 24.97 -5.86
N VAL A 108 6.17 25.35 -4.61
CA VAL A 108 6.99 24.53 -3.71
C VAL A 108 6.17 24.41 -2.45
N VAL A 109 5.95 23.17 -2.04
CA VAL A 109 5.04 22.94 -0.92
C VAL A 109 5.68 21.97 0.06
N GLN A 110 5.57 22.29 1.34
CA GLN A 110 6.15 21.44 2.39
C GLN A 110 5.07 20.41 2.74
N ILE A 111 5.35 19.14 2.50
CA ILE A 111 4.45 18.06 2.93
C ILE A 111 5.24 17.11 3.83
N GLY A 112 4.87 17.09 5.12
CA GLY A 112 5.64 16.36 6.13
C GLY A 112 7.11 16.74 6.11
N GLU A 113 7.97 15.76 5.93
CA GLU A 113 9.41 16.02 5.94
C GLU A 113 9.92 16.50 4.58
N PHE A 114 9.04 16.59 3.57
CA PHE A 114 9.53 16.84 2.21
C PHE A 114 9.08 18.17 1.60
N LYS A 115 10.03 18.88 1.01
CA LYS A 115 9.78 20.07 0.22
C LYS A 115 9.59 19.55 -1.20
N ILE A 116 8.43 19.85 -1.78
CA ILE A 116 8.10 19.32 -3.09
C ILE A 116 7.94 20.44 -4.13
N GLY A 117 8.73 20.35 -5.20
CA GLY A 117 8.63 21.30 -6.31
C GLY A 117 7.67 20.76 -7.36
N LEU A 118 6.86 21.65 -7.92
CA LEU A 118 5.84 21.32 -8.93
C LEU A 118 5.87 22.33 -10.08
N MET A 119 6.04 21.86 -11.31
CA MET A 119 6.05 22.73 -12.46
C MET A 119 5.68 21.92 -13.71
N HIS A 120 5.15 22.58 -14.74
CA HIS A 120 4.71 21.85 -15.91
C HIS A 120 5.82 21.08 -16.64
N GLY A 121 7.00 21.67 -16.78
CA GLY A 121 8.13 20.96 -17.37
C GLY A 121 8.59 21.42 -18.74
N ASN A 122 7.76 22.22 -19.41
CA ASN A 122 8.12 22.73 -20.72
C ASN A 122 9.24 23.75 -20.61
N GLN A 123 9.42 24.30 -19.41
CA GLN A 123 10.54 25.19 -19.05
C GLN A 123 11.84 24.44 -18.87
N VAL A 124 11.79 23.11 -18.87
CA VAL A 124 13.00 22.29 -18.70
C VAL A 124 13.60 21.98 -20.06
N LEU A 125 14.83 22.43 -20.29
CA LEU A 125 15.44 22.33 -21.64
C LEU A 125 16.80 21.65 -21.65
N PRO A 126 16.92 20.53 -22.39
CA PRO A 126 15.85 19.87 -23.16
C PRO A 126 14.86 19.19 -22.23
N TRP A 127 13.65 18.95 -22.73
CA TRP A 127 12.59 18.32 -21.95
C TRP A 127 13.00 16.98 -21.34
N ASP A 128 12.65 16.80 -20.07
CA ASP A 128 12.97 15.59 -19.29
C ASP A 128 14.45 15.30 -19.12
N ASP A 129 15.32 16.26 -19.43
CA ASP A 129 16.76 16.03 -19.26
C ASP A 129 17.13 16.02 -17.77
N PRO A 130 17.68 14.88 -17.30
CA PRO A 130 17.97 14.69 -15.87
C PRO A 130 18.81 15.83 -15.30
N GLY A 131 19.80 16.27 -16.10
CA GLY A 131 20.68 17.37 -15.72
C GLY A 131 19.93 18.68 -15.62
N SER A 132 19.05 18.93 -16.58
CA SER A 132 18.26 20.15 -16.53
C SER A 132 17.21 20.05 -15.41
N LEU A 133 16.61 18.87 -15.26
CA LEU A 133 15.69 18.64 -14.15
C LEU A 133 16.37 18.93 -12.83
N GLU A 134 17.60 18.43 -12.70
CA GLU A 134 18.37 18.64 -11.47
C GLU A 134 18.70 20.11 -11.20
N GLN A 135 18.90 20.90 -12.26
CA GLN A 135 19.11 22.35 -12.11
C GLN A 135 17.87 23.05 -11.58
N TRP A 136 16.71 22.53 -11.96
CA TRP A 136 15.45 23.02 -11.45
C TRP A 136 15.16 22.61 -10.01
N GLN A 137 15.49 21.38 -9.59
CA GLN A 137 15.28 21.09 -8.15
C GLN A 137 16.12 21.98 -7.26
N ARG A 138 17.36 22.22 -7.68
CA ARG A 138 18.29 23.05 -6.94
C ARG A 138 17.77 24.49 -6.91
N ARG A 139 17.27 24.95 -8.06
CA ARG A 139 16.67 26.28 -8.13
C ARG A 139 15.51 26.41 -7.17
N LEU A 140 14.59 25.43 -7.23
CA LEU A 140 13.44 25.43 -6.34
C LEU A 140 13.84 24.99 -4.94
N ASP A 141 15.02 24.41 -4.82
CA ASP A 141 15.53 23.94 -3.53
C ASP A 141 14.59 22.93 -2.90
N CYS A 142 14.18 21.94 -3.69
CA CYS A 142 13.22 20.94 -3.21
C CYS A 142 13.87 19.56 -3.04
N ASP A 143 13.24 18.71 -2.23
CA ASP A 143 13.66 17.31 -2.09
C ASP A 143 13.08 16.41 -3.16
N ILE A 144 11.88 16.76 -3.66
CA ILE A 144 11.21 15.99 -4.69
C ILE A 144 10.70 16.97 -5.73
N LEU A 145 11.00 16.68 -6.99
CA LEU A 145 10.51 17.52 -8.07
C LEU A 145 9.49 16.79 -8.95
N VAL A 146 8.32 17.41 -9.10
CA VAL A 146 7.23 16.85 -9.93
C VAL A 146 6.97 17.70 -11.18
N THR A 147 7.18 17.11 -12.35
CA THR A 147 6.97 17.81 -13.61
C THR A 147 6.17 16.91 -14.57
N GLY A 148 5.58 17.52 -15.61
CA GLY A 148 4.84 16.76 -16.62
C GLY A 148 5.30 17.06 -18.03
N HIS A 149 4.36 17.51 -18.84
CA HIS A 149 4.59 17.98 -20.21
C HIS A 149 4.88 16.92 -21.27
N THR A 150 5.75 15.98 -20.98
CA THR A 150 6.25 15.05 -22.00
C THR A 150 5.42 13.77 -22.19
N HIS A 151 4.47 13.52 -21.28
CA HIS A 151 3.69 12.24 -21.24
C HIS A 151 4.53 10.99 -20.98
N LYS A 152 5.73 11.18 -20.44
CA LYS A 152 6.57 10.08 -20.08
C LYS A 152 6.55 9.85 -18.59
N LEU A 153 5.83 8.79 -18.21
CA LEU A 153 5.78 8.31 -16.85
C LEU A 153 7.19 7.96 -16.38
N ARG A 154 7.60 8.54 -15.26
CA ARG A 154 8.96 8.30 -14.79
C ARG A 154 9.18 8.56 -13.29
N VAL A 155 10.00 7.71 -12.70
CA VAL A 155 10.48 7.86 -11.34
C VAL A 155 11.99 7.67 -11.40
N PHE A 156 12.74 8.64 -10.90
CA PHE A 156 14.14 8.34 -10.64
C PHE A 156 14.72 9.21 -9.57
N GLU A 157 15.73 8.66 -8.91
CA GLU A 157 16.47 9.34 -7.87
C GLU A 157 17.84 9.71 -8.40
N LYS A 158 18.34 10.87 -8.00
CA LYS A 158 19.68 11.30 -8.37
C LYS A 158 20.19 12.19 -7.24
N ASN A 159 21.32 11.79 -6.66
CA ASN A 159 21.96 12.51 -5.53
C ASN A 159 21.04 12.75 -4.36
N GLY A 160 20.22 11.75 -4.03
CA GLY A 160 19.27 11.90 -2.91
C GLY A 160 18.02 12.72 -3.18
N LYS A 161 17.81 13.17 -4.40
CA LYS A 161 16.59 13.89 -4.78
C LYS A 161 15.73 13.01 -5.67
N LEU A 162 14.41 13.20 -5.63
CA LEU A 162 13.49 12.34 -6.35
C LEU A 162 12.78 13.11 -7.45
N PHE A 163 12.79 12.56 -8.68
CA PHE A 163 12.20 13.20 -9.88
C PHE A 163 11.06 12.37 -10.43
N LEU A 164 9.85 12.93 -10.41
CA LEU A 164 8.64 12.19 -10.77
C LEU A 164 7.93 12.89 -11.93
N ASN A 165 7.37 12.11 -12.84
CA ASN A 165 6.50 12.62 -13.89
C ASN A 165 5.35 11.64 -13.94
N PRO A 166 4.15 12.09 -13.56
CA PRO A 166 3.01 11.22 -13.44
C PRO A 166 2.41 10.81 -14.79
N GLY A 167 2.96 11.35 -15.89
CA GLY A 167 2.48 11.07 -17.22
C GLY A 167 1.16 11.77 -17.51
N THR A 168 0.49 11.33 -18.57
CA THR A 168 -0.85 11.88 -18.92
C THR A 168 -1.92 11.07 -18.21
N ALA A 169 -2.75 11.72 -17.41
CA ALA A 169 -3.82 11.02 -16.69
C ALA A 169 -4.87 10.40 -17.62
N THR A 170 -5.03 10.97 -18.81
CA THR A 170 -6.12 10.58 -19.73
C THR A 170 -5.64 9.68 -20.89
N GLY A 171 -4.34 9.62 -21.11
CA GLY A 171 -3.80 8.97 -22.30
C GLY A 171 -3.93 9.82 -23.56
N ALA A 172 -4.21 11.11 -23.39
CA ALA A 172 -4.19 12.08 -24.48
C ALA A 172 -2.87 12.00 -25.24
N PHE A 173 -2.93 12.18 -26.57
CA PHE A 173 -1.73 12.01 -27.39
C PHE A 173 -0.79 13.22 -27.29
N SER A 174 0.50 12.92 -27.13
CA SER A 174 1.59 13.85 -27.40
C SER A 174 2.64 13.10 -28.25
N ALA A 175 3.17 13.76 -29.28
CA ALA A 175 4.22 13.14 -30.10
C ALA A 175 5.53 12.91 -29.33
N LEU A 176 5.66 13.57 -28.17
CA LEU A 176 6.83 13.35 -27.29
C LEU A 176 6.90 11.94 -26.76
N THR A 177 5.74 11.35 -26.43
CA THR A 177 5.68 9.96 -25.97
C THR A 177 4.43 9.30 -26.58
N PRO A 178 4.52 8.91 -27.87
CA PRO A 178 3.31 8.48 -28.57
C PRO A 178 2.65 7.25 -27.91
N ASP A 179 1.33 7.28 -27.80
CA ASP A 179 0.57 6.23 -27.11
C ASP A 179 1.02 5.90 -25.65
N ALA A 180 1.49 6.91 -24.93
CA ALA A 180 1.64 6.80 -23.47
C ALA A 180 0.28 6.37 -22.92
N PRO A 181 0.29 5.44 -21.96
CA PRO A 181 -1.00 5.01 -21.40
C PRO A 181 -1.51 6.07 -20.43
N PRO A 182 -2.83 6.04 -20.09
CA PRO A 182 -3.28 6.87 -18.94
C PRO A 182 -2.52 6.44 -17.68
N SER A 183 -2.08 7.41 -16.89
CA SER A 183 -1.33 7.10 -15.65
C SER A 183 -1.44 8.24 -14.65
N PHE A 184 -1.10 7.92 -13.38
CA PHE A 184 -0.96 8.89 -12.31
C PHE A 184 -0.15 8.20 -11.20
N MET A 185 0.15 8.95 -10.15
CA MET A 185 0.86 8.42 -8.99
C MET A 185 0.17 8.78 -7.69
N LEU A 186 0.24 7.88 -6.73
CA LEU A 186 -0.17 8.19 -5.38
C LEU A 186 1.04 7.95 -4.51
N MET A 187 1.45 8.99 -3.76
CA MET A 187 2.71 8.98 -3.01
C MET A 187 2.39 9.08 -1.52
N ALA A 188 2.69 8.02 -0.76
CA ALA A 188 2.47 8.06 0.69
C ALA A 188 3.75 8.57 1.35
N LEU A 189 3.59 9.62 2.13
CA LEU A 189 4.67 10.15 2.91
C LEU A 189 4.41 9.90 4.39
N GLN A 190 5.36 9.25 5.05
CA GLN A 190 5.21 8.99 6.48
C GLN A 190 6.55 9.17 7.15
N GLY A 191 6.67 10.20 7.97
CA GLY A 191 7.97 10.54 8.55
C GLY A 191 9.00 10.63 7.45
N ASN A 192 10.07 9.84 7.53
CA ASN A 192 11.15 9.89 6.52
C ASN A 192 10.95 8.90 5.35
N LYS A 193 9.80 8.23 5.31
CA LYS A 193 9.51 7.21 4.30
C LYS A 193 8.59 7.69 3.20
N VAL A 194 9.00 7.41 1.97
CA VAL A 194 8.21 7.62 0.79
C VAL A 194 7.89 6.24 0.20
N VAL A 195 6.60 5.94 0.07
CA VAL A 195 6.17 4.80 -0.69
C VAL A 195 5.34 5.32 -1.86
N LEU A 196 5.86 5.08 -3.06
CA LEU A 196 5.28 5.63 -4.26
C LEU A 196 4.55 4.54 -5.05
N TYR A 197 3.26 4.74 -5.28
CA TYR A 197 2.49 3.89 -6.19
C TYR A 197 2.24 4.54 -7.55
N VAL A 198 2.70 3.88 -8.60
CA VAL A 198 2.59 4.38 -9.94
C VAL A 198 1.52 3.58 -10.68
N TYR A 199 0.45 4.26 -11.11
CA TYR A 199 -0.67 3.59 -11.81
C TYR A 199 -0.61 3.85 -13.32
N ASP A 200 -0.80 2.81 -14.13
CA ASP A 200 -1.04 2.98 -15.55
C ASP A 200 -2.11 2.02 -16.06
N LEU A 201 -2.80 2.43 -17.12
CA LEU A 201 -3.86 1.63 -17.70
C LEU A 201 -3.41 1.13 -19.07
N ARG A 202 -3.25 -0.18 -19.19
CA ARG A 202 -2.86 -0.83 -20.46
C ARG A 202 -3.78 -2.05 -20.68
N ASP A 203 -4.29 -2.17 -21.91
CA ASP A 203 -5.13 -3.30 -22.31
C ASP A 203 -6.31 -3.47 -21.38
N GLY A 204 -6.94 -2.36 -21.02
CA GLY A 204 -8.12 -2.44 -20.16
C GLY A 204 -7.83 -2.67 -18.69
N LYS A 205 -6.56 -2.87 -18.33
CA LYS A 205 -6.20 -3.25 -16.97
C LYS A 205 -5.33 -2.19 -16.29
N THR A 206 -5.72 -1.79 -15.08
CA THR A 206 -4.91 -0.88 -14.28
C THR A 206 -3.80 -1.69 -13.59
N ASN A 207 -2.56 -1.31 -13.83
CA ASN A 207 -1.38 -1.85 -13.14
C ASN A 207 -0.83 -0.87 -12.09
N VAL A 208 -0.23 -1.39 -11.00
CA VAL A 208 0.54 -0.59 -10.02
C VAL A 208 1.96 -1.04 -9.97
N ALA A 209 2.88 -0.08 -9.94
CA ALA A 209 4.27 -0.37 -9.64
C ALA A 209 4.60 0.48 -8.39
N MET A 210 5.21 -0.16 -7.40
CA MET A 210 5.57 0.50 -6.14
C MET A 210 7.07 0.73 -6.14
N SER A 211 7.51 1.92 -5.73
CA SER A 211 8.89 2.21 -5.42
C SER A 211 8.94 2.90 -4.07
N GLU A 212 9.96 2.59 -3.32
CA GLU A 212 10.05 3.00 -1.94
C GLU A 212 11.42 3.67 -1.75
N PHE A 213 11.42 4.76 -0.99
CA PHE A 213 12.57 5.61 -0.77
C PHE A 213 12.53 6.04 0.67
N SER A 214 13.69 6.26 1.28
CA SER A 214 13.72 6.83 2.63
C SER A 214 14.96 7.60 3.01
N LYS A 215 14.77 8.47 4.01
CA LYS A 215 15.75 9.34 4.71
C LYS A 215 15.88 10.74 4.09
N GLY B 13 15.52 -54.58 -20.99
CA GLY B 13 15.91 -53.47 -20.10
C GLY B 13 14.77 -52.46 -20.01
N LEU B 14 14.06 -52.44 -18.88
CA LEU B 14 13.21 -51.28 -18.60
C LEU B 14 14.10 -50.16 -18.12
N VAL B 15 13.85 -48.95 -18.63
CA VAL B 15 14.62 -47.79 -18.20
C VAL B 15 13.76 -46.65 -17.65
N PRO B 16 14.18 -46.04 -16.51
CA PRO B 16 13.40 -44.95 -15.93
C PRO B 16 13.36 -43.78 -16.90
N ARG B 17 12.21 -43.14 -17.00
CA ARG B 17 11.95 -42.10 -18.00
C ARG B 17 11.24 -40.92 -17.37
N GLY B 18 11.50 -40.67 -16.10
CA GLY B 18 10.85 -39.55 -15.49
C GLY B 18 9.78 -39.94 -14.50
N SER B 19 9.48 -39.02 -13.62
CA SER B 19 8.61 -39.26 -12.51
C SER B 19 8.08 -37.91 -12.08
N SER B 20 7.04 -37.94 -11.27
CA SER B 20 6.47 -36.73 -10.74
C SER B 20 5.82 -37.04 -9.41
N SER B 21 5.91 -36.09 -8.50
CA SER B 21 5.08 -36.17 -7.31
C SER B 21 4.33 -34.87 -7.09
N THR B 22 3.00 -35.00 -7.10
CA THR B 22 2.12 -33.90 -6.71
C THR B 22 1.85 -34.07 -5.21
N ASP B 23 2.79 -33.54 -4.43
CA ASP B 23 2.74 -33.52 -2.96
C ASP B 23 2.93 -32.08 -2.53
N PHE B 24 1.85 -31.45 -2.10
CA PHE B 24 1.94 -30.05 -1.69
C PHE B 24 1.79 -29.88 -0.18
N GLY B 25 2.69 -29.10 0.38
CA GLY B 25 2.44 -28.46 1.66
C GLY B 25 2.31 -26.97 1.39
N ASP B 26 1.46 -26.31 2.16
CA ASP B 26 1.45 -24.85 2.15
C ASP B 26 2.08 -24.43 3.45
N LEU B 27 2.73 -23.27 3.45
CA LEU B 27 3.25 -22.69 4.67
C LEU B 27 2.74 -21.25 4.80
N VAL B 28 1.95 -21.00 5.85
CA VAL B 28 1.23 -19.76 6.07
C VAL B 28 1.82 -18.98 7.24
N LEU B 29 2.31 -17.78 6.97
CA LEU B 29 2.65 -16.85 8.04
C LEU B 29 1.41 -16.14 8.57
N LEU B 30 1.26 -16.17 9.90
CA LEU B 30 0.21 -15.42 10.60
C LEU B 30 0.91 -14.35 11.41
N ILE B 31 0.54 -13.10 11.20
CA ILE B 31 1.33 -12.01 11.77
C ILE B 31 0.47 -10.75 11.86
N GLY B 32 0.75 -9.88 12.82
CA GLY B 32 0.04 -8.59 12.87
C GLY B 32 0.34 -7.77 14.09
N ASP B 33 -0.52 -6.79 14.35
CA ASP B 33 -0.37 -5.90 15.49
C ASP B 33 1.05 -5.39 15.66
N LEU B 34 1.58 -4.88 14.56
CA LEU B 34 2.92 -4.26 14.53
C LEU B 34 2.96 -2.87 15.23
N LYS B 35 1.95 -2.04 14.97
CA LYS B 35 1.89 -0.68 15.52
C LYS B 35 3.21 0.12 15.26
N ILE B 36 3.69 0.01 14.04
CA ILE B 36 4.84 0.79 13.55
C ILE B 36 4.29 2.04 12.84
N PRO B 37 4.88 3.24 13.12
CA PRO B 37 6.03 3.41 14.00
C PRO B 37 5.74 3.88 15.42
N TYR B 38 4.49 4.13 15.77
CA TYR B 38 4.23 4.72 17.08
C TYR B 38 4.49 3.81 18.27
N GLY B 39 4.17 2.53 18.12
CA GLY B 39 4.35 1.57 19.20
C GLY B 39 5.69 0.88 19.14
N ALA B 40 6.30 0.85 17.97
CA ALA B 40 7.56 0.13 17.75
C ALA B 40 8.15 0.60 16.42
N LYS B 41 9.46 0.48 16.25
CA LYS B 41 10.10 0.96 15.03
C LYS B 41 10.33 -0.10 13.99
N GLU B 42 10.37 -1.37 14.40
CA GLU B 42 10.80 -2.43 13.50
C GLU B 42 10.40 -3.80 14.05
N LEU B 43 10.57 -4.84 13.24
CA LEU B 43 10.45 -6.21 13.70
C LEU B 43 11.80 -6.58 14.32
N PRO B 44 11.82 -7.49 15.32
CA PRO B 44 13.13 -7.86 15.89
C PRO B 44 14.02 -8.41 14.79
N SER B 45 15.31 -8.05 14.79
CA SER B 45 16.26 -8.63 13.83
C SER B 45 16.26 -10.16 13.92
N ASN B 46 16.13 -10.67 15.15
CA ASN B 46 16.01 -12.10 15.42
C ASN B 46 15.00 -12.80 14.51
N PHE B 47 13.97 -12.06 14.07
CA PHE B 47 12.86 -12.58 13.27
C PHE B 47 13.11 -12.46 11.74
N ARG B 48 14.16 -11.74 11.37
CA ARG B 48 14.46 -11.42 9.96
C ARG B 48 14.52 -12.63 9.05
N GLU B 49 15.39 -13.58 9.41
CA GLU B 49 15.58 -14.81 8.63
C GLU B 49 14.36 -15.70 8.69
N LEU B 50 13.73 -15.76 9.86
CA LEU B 50 12.52 -16.55 10.02
C LEU B 50 11.45 -16.06 9.05
N LEU B 51 11.32 -14.74 8.93
CA LEU B 51 10.29 -14.14 8.05
C LEU B 51 10.71 -14.06 6.58
N ALA B 52 11.91 -14.53 6.27
CA ALA B 52 12.39 -14.53 4.89
C ALA B 52 12.39 -15.94 4.31
N THR B 53 11.93 -16.93 5.08
CA THR B 53 11.99 -18.32 4.62
C THR B 53 11.24 -18.51 3.31
N ASP B 54 11.95 -19.12 2.35
CA ASP B 54 11.49 -19.23 0.95
C ASP B 54 10.19 -19.98 0.83
N LYS B 55 9.94 -20.88 1.78
CA LYS B 55 8.80 -21.80 1.72
C LYS B 55 7.44 -21.15 2.03
N ILE B 56 7.47 -19.96 2.66
CA ILE B 56 6.21 -19.25 2.95
C ILE B 56 5.52 -18.95 1.63
N ASN B 57 4.32 -19.50 1.43
CA ASN B 57 3.56 -19.16 0.23
C ASN B 57 2.25 -18.39 0.50
N TYR B 58 1.94 -18.16 1.78
CA TYR B 58 0.82 -17.29 2.18
C TYR B 58 1.14 -16.45 3.41
N VAL B 59 0.67 -15.21 3.43
CA VAL B 59 0.72 -14.38 4.64
C VAL B 59 -0.73 -13.98 4.96
N LEU B 60 -1.11 -14.24 6.20
CA LEU B 60 -2.37 -13.76 6.69
C LEU B 60 -2.07 -12.78 7.81
N CYS B 61 -2.37 -11.52 7.56
CA CYS B 61 -2.09 -10.40 8.45
C CYS B 61 -3.35 -9.84 9.18
N THR B 62 -3.30 -9.86 10.51
CA THR B 62 -4.48 -9.51 11.30
C THR B 62 -4.71 -8.00 11.43
N GLY B 63 -3.86 -7.18 10.83
CA GLY B 63 -4.03 -5.72 10.87
C GLY B 63 -3.17 -5.00 11.88
N ASN B 64 -3.40 -3.69 11.94
CA ASN B 64 -2.58 -2.78 12.75
C ASN B 64 -1.15 -2.88 12.38
N VAL B 65 -0.94 -2.80 11.06
CA VAL B 65 0.35 -2.68 10.46
C VAL B 65 0.78 -1.22 10.67
N CYS B 66 -0.13 -0.27 10.38
CA CYS B 66 0.04 1.16 10.70
C CYS B 66 1.06 1.92 9.86
N SER B 67 2.02 1.21 9.32
CA SER B 67 3.06 1.85 8.53
C SER B 67 3.02 1.34 7.08
N GLN B 68 2.95 2.26 6.12
CA GLN B 68 2.90 1.88 4.68
C GLN B 68 4.11 1.05 4.25
N GLU B 69 5.29 1.48 4.69
CA GLU B 69 6.55 0.74 4.48
C GLU B 69 6.37 -0.75 4.83
N TYR B 70 5.70 -1.01 5.97
CA TYR B 70 5.53 -2.41 6.42
C TYR B 70 4.43 -3.20 5.70
N VAL B 71 3.45 -2.47 5.18
CA VAL B 71 2.51 -3.07 4.25
C VAL B 71 3.31 -3.72 3.13
N GLU B 72 4.29 -2.98 2.59
CA GLU B 72 5.12 -3.53 1.54
C GLU B 72 6.16 -4.56 1.96
N MET B 73 6.68 -4.46 3.18
CA MET B 73 7.56 -5.51 3.71
C MET B 73 6.77 -6.83 3.65
N LEU B 74 5.52 -6.80 4.11
CA LEU B 74 4.66 -7.96 4.11
C LEU B 74 4.37 -8.48 2.71
N LYS B 75 3.94 -7.59 1.82
CA LYS B 75 3.62 -7.96 0.44
C LYS B 75 4.82 -8.54 -0.31
N ASN B 76 6.02 -8.15 0.10
CA ASN B 76 7.26 -8.62 -0.51
C ASN B 76 7.66 -10.05 -0.06
N ILE B 77 7.01 -10.58 0.97
CA ILE B 77 7.33 -11.93 1.45
C ILE B 77 7.03 -12.99 0.37
N THR B 78 5.88 -12.86 -0.27
CA THR B 78 5.43 -13.86 -1.23
C THR B 78 4.26 -13.22 -1.95
N LYS B 79 3.83 -13.83 -3.06
CA LYS B 79 2.73 -13.31 -3.86
C LYS B 79 1.43 -13.22 -3.08
N ASN B 80 1.07 -14.30 -2.40
CA ASN B 80 -0.26 -14.44 -1.78
C ASN B 80 -0.34 -13.86 -0.35
N VAL B 81 -0.64 -12.57 -0.26
CA VAL B 81 -0.61 -11.85 1.00
C VAL B 81 -1.94 -11.16 1.25
N TYR B 82 -2.53 -11.47 2.40
CA TYR B 82 -3.84 -10.93 2.76
C TYR B 82 -3.66 -10.09 3.99
N ILE B 83 -4.19 -8.86 3.95
CA ILE B 83 -4.12 -7.96 5.08
C ILE B 83 -5.52 -7.46 5.35
N VAL B 84 -5.98 -7.60 6.60
CA VAL B 84 -7.23 -6.98 6.99
C VAL B 84 -6.89 -5.68 7.70
N SER B 85 -7.88 -4.78 7.71
CA SER B 85 -7.72 -3.54 8.38
C SER B 85 -8.01 -3.64 9.91
N GLY B 86 -7.14 -3.05 10.72
CA GLY B 86 -7.40 -2.97 12.15
C GLY B 86 -7.94 -1.61 12.56
N ASP B 87 -8.05 -1.38 13.86
CA ASP B 87 -8.62 -0.14 14.37
C ASP B 87 -7.64 1.04 14.31
N LEU B 88 -6.36 0.74 14.13
CA LEU B 88 -5.32 1.77 14.10
C LEU B 88 -4.72 2.00 12.71
N ASP B 89 -5.39 1.52 11.67
CA ASP B 89 -4.84 1.49 10.31
C ASP B 89 -5.31 2.64 9.40
N SER B 90 -5.68 3.78 9.98
CA SER B 90 -6.16 4.89 9.13
C SER B 90 -5.05 5.51 8.26
N ALA B 91 -3.80 5.39 8.69
CA ALA B 91 -2.68 5.91 7.94
C ALA B 91 -2.20 4.99 6.80
N ILE B 92 -2.79 3.81 6.66
CA ILE B 92 -2.35 2.94 5.58
C ILE B 92 -3.35 2.91 4.43
N PHE B 93 -2.81 2.84 3.23
CA PHE B 93 -3.55 2.91 1.97
C PHE B 93 -3.41 1.56 1.29
N ASN B 94 -4.52 0.98 0.83
CA ASN B 94 -4.46 -0.22 0.02
C ASN B 94 -4.32 0.17 -1.46
N PRO B 95 -3.16 -0.15 -2.06
CA PRO B 95 -2.94 0.31 -3.42
C PRO B 95 -3.71 -0.47 -4.48
N ASP B 96 -4.23 -1.65 -4.12
CA ASP B 96 -4.96 -2.52 -5.03
C ASP B 96 -5.73 -1.74 -6.09
N PRO B 97 -5.35 -1.90 -7.37
CA PRO B 97 -5.92 -1.09 -8.42
C PRO B 97 -7.41 -1.35 -8.55
N GLU B 98 -7.85 -2.46 -7.97
CA GLU B 98 -9.24 -2.93 -8.07
C GLU B 98 -10.14 -2.67 -6.89
N SER B 99 -9.64 -2.07 -5.80
CA SER B 99 -10.56 -1.66 -4.74
C SER B 99 -10.52 -0.15 -4.49
N ASN B 100 -10.87 0.28 -3.28
CA ASN B 100 -11.05 1.70 -3.04
C ASN B 100 -10.09 2.30 -2.01
N GLY B 101 -8.85 1.85 -2.02
CA GLY B 101 -7.85 2.43 -1.14
C GLY B 101 -7.87 1.94 0.29
N VAL B 102 -8.82 1.08 0.62
CA VAL B 102 -8.87 0.49 1.97
C VAL B 102 -8.69 -1.04 1.97
N PHE B 103 -7.99 -1.54 2.99
CA PHE B 103 -7.89 -2.98 3.24
C PHE B 103 -9.23 -3.54 3.73
N PRO B 104 -9.54 -4.80 3.38
CA PRO B 104 -10.84 -5.31 3.82
C PRO B 104 -10.84 -5.59 5.33
N GLU B 105 -12.02 -5.66 5.95
CA GLU B 105 -12.10 -5.97 7.36
C GLU B 105 -12.16 -7.47 7.53
N TYR B 106 -12.62 -8.16 6.49
CA TYR B 106 -12.81 -9.61 6.53
C TYR B 106 -12.19 -10.27 5.31
N VAL B 107 -11.49 -11.37 5.57
CA VAL B 107 -10.95 -12.24 4.50
C VAL B 107 -11.29 -13.70 4.83
N VAL B 108 -11.76 -14.42 3.82
CA VAL B 108 -11.96 -15.86 3.91
C VAL B 108 -11.25 -16.45 2.69
N VAL B 109 -10.29 -17.33 2.93
CA VAL B 109 -9.45 -17.83 1.87
C VAL B 109 -9.26 -19.35 1.99
N GLN B 110 -9.32 -20.03 0.85
CA GLN B 110 -9.12 -21.47 0.79
C GLN B 110 -7.63 -21.75 0.66
N ILE B 111 -7.08 -22.46 1.63
CA ILE B 111 -5.68 -22.87 1.48
C ILE B 111 -5.57 -24.38 1.69
N GLY B 112 -5.19 -25.11 0.63
CA GLY B 112 -5.26 -26.57 0.67
C GLY B 112 -6.67 -26.97 0.99
N GLU B 113 -6.84 -27.79 2.03
CA GLU B 113 -8.15 -28.29 2.47
C GLU B 113 -8.86 -27.37 3.45
N PHE B 114 -8.27 -26.23 3.76
CA PHE B 114 -8.80 -25.38 4.83
C PHE B 114 -9.39 -24.08 4.33
N LYS B 115 -10.57 -23.77 4.83
CA LYS B 115 -11.17 -22.47 4.63
C LYS B 115 -10.77 -21.63 5.83
N ILE B 116 -9.98 -20.59 5.60
CA ILE B 116 -9.42 -19.75 6.70
C ILE B 116 -10.08 -18.36 6.77
N GLY B 117 -10.64 -18.04 7.94
CA GLY B 117 -11.22 -16.73 8.20
C GLY B 117 -10.17 -15.85 8.84
N LEU B 118 -10.11 -14.61 8.39
CA LEU B 118 -9.15 -13.63 8.90
C LEU B 118 -9.91 -12.35 9.20
N MET B 119 -9.72 -11.79 10.41
CA MET B 119 -10.29 -10.49 10.80
C MET B 119 -9.48 -9.92 11.97
N HIS B 120 -9.59 -8.59 12.20
CA HIS B 120 -8.73 -7.93 13.16
C HIS B 120 -8.95 -8.43 14.59
N GLY B 121 -10.20 -8.60 14.97
CA GLY B 121 -10.50 -9.07 16.31
C GLY B 121 -11.24 -8.11 17.20
N ASN B 122 -11.33 -6.85 16.79
CA ASN B 122 -12.13 -5.86 17.51
C ASN B 122 -13.66 -6.19 17.48
N GLN B 123 -14.07 -7.10 16.59
CA GLN B 123 -15.47 -7.50 16.41
C GLN B 123 -15.90 -8.50 17.49
N VAL B 124 -14.91 -9.17 18.09
CA VAL B 124 -15.17 -10.23 19.05
C VAL B 124 -15.41 -9.59 20.42
N LEU B 125 -16.53 -9.92 21.04
CA LEU B 125 -17.00 -9.31 22.30
C LEU B 125 -17.43 -10.37 23.31
N PRO B 126 -16.79 -10.40 24.50
CA PRO B 126 -15.57 -9.63 24.82
C PRO B 126 -14.41 -10.13 23.96
N TRP B 127 -13.37 -9.32 23.83
CA TRP B 127 -12.17 -9.68 23.05
C TRP B 127 -11.63 -11.05 23.43
N ASP B 128 -11.30 -11.84 22.42
CA ASP B 128 -10.73 -13.17 22.64
C ASP B 128 -11.67 -14.17 23.35
N ASP B 129 -12.93 -13.77 23.54
CA ASP B 129 -13.89 -14.67 24.15
C ASP B 129 -14.11 -15.88 23.24
N PRO B 130 -13.90 -17.11 23.76
CA PRO B 130 -14.13 -18.32 22.91
C PRO B 130 -15.53 -18.49 22.31
N GLY B 131 -16.58 -18.23 23.08
CA GLY B 131 -17.97 -18.36 22.59
C GLY B 131 -18.23 -17.45 21.41
N SER B 132 -17.81 -16.19 21.54
CA SER B 132 -17.87 -15.18 20.47
C SER B 132 -16.96 -15.46 19.26
N LEU B 133 -15.76 -15.95 19.52
CA LEU B 133 -14.87 -16.36 18.44
C LEU B 133 -15.54 -17.45 17.60
N GLU B 134 -16.22 -18.37 18.29
CA GLU B 134 -17.00 -19.43 17.63
C GLU B 134 -18.18 -18.89 16.80
N GLN B 135 -18.95 -17.97 17.35
CA GLN B 135 -19.97 -17.31 16.52
C GLN B 135 -19.37 -16.76 15.22
N TRP B 136 -18.24 -16.05 15.33
CA TRP B 136 -17.55 -15.48 14.16
C TRP B 136 -16.99 -16.55 13.22
N GLN B 137 -16.49 -17.65 13.76
CA GLN B 137 -16.07 -18.79 12.94
C GLN B 137 -17.26 -19.31 12.11
N ARG B 138 -18.43 -19.41 12.73
CA ARG B 138 -19.62 -19.86 11.98
C ARG B 138 -20.06 -18.81 10.98
N ARG B 139 -20.01 -17.55 11.41
CA ARG B 139 -20.43 -16.44 10.56
C ARG B 139 -19.61 -16.44 9.25
N LEU B 140 -18.29 -16.68 9.37
CA LEU B 140 -17.38 -16.72 8.22
C LEU B 140 -17.33 -18.13 7.57
N ASP B 141 -17.99 -19.09 8.21
CA ASP B 141 -18.00 -20.48 7.78
C ASP B 141 -16.58 -20.99 7.46
N CYS B 142 -15.67 -20.91 8.45
CA CYS B 142 -14.28 -21.32 8.22
C CYS B 142 -13.86 -22.46 9.16
N ASP B 143 -12.76 -23.14 8.80
CA ASP B 143 -12.17 -24.23 9.59
C ASP B 143 -11.19 -23.72 10.64
N ILE B 144 -10.56 -22.57 10.30
CA ILE B 144 -9.55 -21.89 11.13
C ILE B 144 -9.86 -20.41 11.15
N LEU B 145 -9.92 -19.81 12.34
CA LEU B 145 -10.17 -18.39 12.49
C LEU B 145 -8.95 -17.71 13.05
N VAL B 146 -8.41 -16.77 12.29
CA VAL B 146 -7.24 -16.04 12.70
C VAL B 146 -7.67 -14.60 13.07
N THR B 147 -7.43 -14.20 14.32
CA THR B 147 -7.74 -12.85 14.76
C THR B 147 -6.56 -12.27 15.54
N GLY B 148 -6.55 -10.95 15.71
CA GLY B 148 -5.51 -10.30 16.51
C GLY B 148 -6.10 -9.32 17.52
N HIS B 149 -5.67 -8.07 17.44
CA HIS B 149 -6.15 -6.98 18.29
C HIS B 149 -5.67 -6.98 19.75
N THR B 150 -5.64 -8.13 20.40
CA THR B 150 -5.42 -8.17 21.85
C THR B 150 -3.98 -8.22 22.31
N HIS B 151 -3.08 -8.55 21.39
CA HIS B 151 -1.66 -8.81 21.70
C HIS B 151 -1.49 -10.05 22.57
N LYS B 152 -2.51 -10.90 22.57
CA LYS B 152 -2.48 -12.13 23.34
C LYS B 152 -2.27 -13.37 22.44
N LEU B 153 -1.04 -13.83 22.36
CA LEU B 153 -0.68 -15.00 21.60
C LEU B 153 -1.49 -16.20 22.08
N ARG B 154 -2.18 -16.89 21.19
CA ARG B 154 -3.05 -17.99 21.63
C ARG B 154 -3.43 -18.96 20.52
N VAL B 155 -3.57 -20.23 20.92
CA VAL B 155 -3.96 -21.32 20.05
C VAL B 155 -4.92 -22.17 20.87
N PHE B 156 -6.14 -22.35 20.40
CA PHE B 156 -7.05 -23.35 20.98
C PHE B 156 -7.98 -23.93 19.92
N GLU B 157 -8.52 -25.08 20.24
CA GLU B 157 -9.43 -25.78 19.37
C GLU B 157 -10.73 -25.95 20.14
N LYS B 158 -11.86 -25.91 19.44
CA LYS B 158 -13.16 -26.02 20.08
C LYS B 158 -14.12 -26.51 19.01
N ASN B 159 -14.82 -27.60 19.29
CA ASN B 159 -15.79 -28.21 18.35
C ASN B 159 -15.21 -28.49 16.95
N GLY B 160 -13.97 -28.98 16.92
CA GLY B 160 -13.30 -29.27 15.65
C GLY B 160 -12.84 -28.07 14.83
N LYS B 161 -12.87 -26.87 15.43
CA LYS B 161 -12.40 -25.66 14.79
C LYS B 161 -11.17 -25.09 15.49
N LEU B 162 -10.24 -24.52 14.70
CA LEU B 162 -8.99 -23.95 15.23
C LEU B 162 -9.03 -22.43 15.31
N PHE B 163 -8.67 -21.90 16.48
CA PHE B 163 -8.71 -20.44 16.72
C PHE B 163 -7.34 -19.96 17.13
N LEU B 164 -6.82 -19.05 16.30
CA LEU B 164 -5.43 -18.58 16.40
C LEU B 164 -5.34 -17.06 16.49
N ASN B 165 -4.45 -16.61 17.37
CA ASN B 165 -4.08 -15.22 17.55
C ASN B 165 -2.54 -15.19 17.62
N PRO B 166 -1.85 -14.69 16.57
CA PRO B 166 -0.37 -14.71 16.54
C PRO B 166 0.29 -13.60 17.39
N GLY B 167 -0.51 -12.84 18.12
CA GLY B 167 -0.02 -11.76 18.96
C GLY B 167 0.60 -10.61 18.20
N THR B 168 1.41 -9.83 18.89
CA THR B 168 2.10 -8.69 18.27
C THR B 168 3.50 -9.07 17.76
N ALA B 169 3.73 -8.88 16.46
CA ALA B 169 5.00 -9.25 15.85
C ALA B 169 6.18 -8.40 16.31
N THR B 170 5.88 -7.18 16.76
CA THR B 170 6.89 -6.21 17.20
C THR B 170 7.06 -6.17 18.71
N GLY B 171 6.09 -6.68 19.47
CA GLY B 171 6.13 -6.51 20.91
C GLY B 171 5.64 -5.13 21.36
N ALA B 172 5.09 -4.36 20.42
CA ALA B 172 4.41 -3.09 20.70
C ALA B 172 3.41 -3.22 21.85
N PHE B 173 3.32 -2.17 22.68
CA PHE B 173 2.40 -2.18 23.81
C PHE B 173 0.95 -2.17 23.41
N SER B 174 0.17 -3.03 24.06
CA SER B 174 -1.28 -2.89 24.17
C SER B 174 -1.66 -3.07 25.63
N ALA B 175 -2.45 -2.13 26.16
CA ALA B 175 -3.05 -2.23 27.49
C ALA B 175 -3.79 -3.55 27.73
N LEU B 176 -4.34 -4.15 26.67
CA LEU B 176 -5.02 -5.46 26.77
C LEU B 176 -4.07 -6.57 27.19
N THR B 177 -2.81 -6.51 26.75
CA THR B 177 -1.83 -7.51 27.17
C THR B 177 -0.44 -6.86 27.32
N PRO B 178 -0.20 -6.14 28.43
CA PRO B 178 1.07 -5.47 28.70
C PRO B 178 2.17 -6.51 28.82
N ASP B 179 3.37 -6.23 28.35
CA ASP B 179 4.39 -7.30 28.40
C ASP B 179 4.25 -8.50 27.43
N ALA B 180 3.29 -8.45 26.51
CA ALA B 180 3.32 -9.37 25.38
C ALA B 180 4.69 -9.27 24.72
N PRO B 181 5.35 -10.42 24.47
CA PRO B 181 6.61 -10.37 23.73
C PRO B 181 6.33 -10.30 22.22
N PRO B 182 7.35 -9.99 21.40
CA PRO B 182 7.16 -10.16 19.97
C PRO B 182 6.85 -11.61 19.61
N SER B 183 5.90 -11.82 18.70
CA SER B 183 5.54 -13.18 18.30
C SER B 183 4.86 -13.23 16.93
N PHE B 184 4.87 -14.43 16.33
CA PHE B 184 4.13 -14.71 15.11
C PHE B 184 3.94 -16.22 15.00
N MET B 185 3.18 -16.68 14.01
CA MET B 185 3.03 -18.11 13.81
C MET B 185 3.32 -18.47 12.37
N LEU B 186 3.95 -19.62 12.18
CA LEU B 186 4.03 -20.27 10.87
C LEU B 186 3.15 -21.50 10.88
N MET B 187 2.28 -21.65 9.89
CA MET B 187 1.31 -22.71 9.92
C MET B 187 1.44 -23.59 8.66
N ALA B 188 1.90 -24.83 8.89
CA ALA B 188 2.05 -25.80 7.81
C ALA B 188 0.77 -26.62 7.65
N LEU B 189 0.29 -26.65 6.41
CA LEU B 189 -0.96 -27.26 6.05
C LEU B 189 -0.62 -28.31 5.01
N GLN B 190 -1.06 -29.55 5.25
CA GLN B 190 -0.86 -30.66 4.34
C GLN B 190 -2.01 -31.64 4.54
N GLY B 191 -2.78 -31.86 3.48
CA GLY B 191 -4.00 -32.63 3.59
C GLY B 191 -4.86 -32.00 4.68
N ASN B 192 -5.40 -32.82 5.58
CA ASN B 192 -6.24 -32.31 6.66
C ASN B 192 -5.46 -32.00 7.94
N LYS B 193 -4.14 -31.93 7.81
CA LYS B 193 -3.27 -31.78 8.96
C LYS B 193 -2.70 -30.35 9.06
N VAL B 194 -2.72 -29.84 10.28
CA VAL B 194 -2.11 -28.55 10.59
C VAL B 194 -0.90 -28.80 11.47
N VAL B 195 0.25 -28.29 11.05
CA VAL B 195 1.39 -28.22 11.96
C VAL B 195 1.74 -26.75 12.23
N LEU B 196 1.62 -26.38 13.50
CA LEU B 196 1.69 -25.00 13.91
C LEU B 196 2.99 -24.73 14.69
N TYR B 197 3.76 -23.76 14.21
CA TYR B 197 4.98 -23.30 14.89
C TYR B 197 4.70 -21.92 15.48
N VAL B 198 4.70 -21.82 16.81
CA VAL B 198 4.48 -20.58 17.51
C VAL B 198 5.86 -20.00 17.94
N TYR B 199 6.21 -18.84 17.38
CA TYR B 199 7.44 -18.15 17.68
C TYR B 199 7.24 -16.96 18.62
N ASP B 200 8.11 -16.83 19.61
CA ASP B 200 8.18 -15.64 20.44
C ASP B 200 9.64 -15.33 20.79
N LEU B 201 9.89 -14.05 21.11
CA LEU B 201 11.18 -13.59 21.56
C LEU B 201 11.09 -13.17 23.04
N ARG B 202 11.70 -13.95 23.91
CA ARG B 202 11.78 -13.63 25.32
C ARG B 202 13.25 -13.66 25.79
N ASP B 203 13.65 -12.61 26.49
CA ASP B 203 15.01 -12.49 27.02
C ASP B 203 16.07 -12.69 25.93
N GLY B 204 15.91 -12.02 24.80
CA GLY B 204 16.89 -12.11 23.74
C GLY B 204 16.88 -13.41 22.96
N LYS B 205 16.10 -14.37 23.42
CA LYS B 205 16.06 -15.70 22.80
C LYS B 205 14.73 -15.97 22.03
N THR B 206 14.86 -16.56 20.84
CA THR B 206 13.71 -17.03 20.06
C THR B 206 13.25 -18.43 20.44
N ASN B 207 11.99 -18.55 20.85
CA ASN B 207 11.40 -19.84 21.23
C ASN B 207 10.39 -20.29 20.18
N VAL B 208 10.35 -21.58 19.91
CA VAL B 208 9.33 -22.17 19.01
C VAL B 208 8.59 -23.25 19.79
N ALA B 209 7.26 -23.23 19.71
CA ALA B 209 6.44 -24.25 20.31
C ALA B 209 5.57 -24.82 19.21
N MET B 210 5.60 -26.14 19.08
CA MET B 210 4.95 -26.83 17.99
C MET B 210 3.71 -27.60 18.46
N SER B 211 2.64 -27.46 17.68
CA SER B 211 1.34 -28.08 17.94
C SER B 211 0.80 -28.66 16.63
N GLU B 212 -0.03 -29.70 16.74
CA GLU B 212 -0.63 -30.34 15.57
C GLU B 212 -2.14 -30.42 15.74
N PHE B 213 -2.86 -30.32 14.62
CA PHE B 213 -4.32 -30.41 14.60
C PHE B 213 -4.81 -31.03 13.30
N SER B 214 -6.01 -31.59 13.32
CA SER B 214 -6.59 -32.23 12.13
C SER B 214 -8.02 -31.79 11.94
N LYS B 215 -8.37 -31.56 10.67
CA LYS B 215 -9.67 -31.03 10.26
C LYS B 215 -10.75 -32.00 10.70
#